data_7AJ2
#
_entry.id   7AJ2
#
_cell.length_a   81.729
_cell.length_b   81.729
_cell.length_c   123.974
_cell.angle_alpha   90.000
_cell.angle_beta   90.000
_cell.angle_gamma   90.000
#
_symmetry.space_group_name_H-M   'P 43 21 2'
#
loop_
_entity.id
_entity.type
_entity.pdbx_description
1 polymer 'Dual specificity tyrosine-phosphorylation-regulated kinase 1A'
2 non-polymer 4-(4-methoxyphenyl)pyridin-2-amine
3 non-polymer 'CHLORIDE ION'
4 water water
#
_entity_poly.entity_id   1
_entity_poly.type   'polypeptide(L)'
_entity_poly.pdbx_seq_one_letter_code
;MGSSHHHHHHSSGLVPRG(SEP)HMIVKNGEKWMDRYEIDSLIGKGSFGQVVKAYDRVEQEWVAIKIIKNKKAFLNQAQI
EVRLLELMNKHDTEMKYYIVHLKRHFMFRNHLCLVFEMLSYNLYDLLRNTNFRGVSLNLTRKFAQQMCTALLFLATPELS
IIHCDLKPENILLCNPKRSAIKIVDFGSSCQLGQRIYQ(PTR)IQSRFYRSPEVLLGMPYDLAIDMWSLGCILVEMHTGE
PLFSGANEVDQMNKIVEVLGIPPAHILDQAPKARKFFEKLPDGTWNLKKTKDGKREYKPPGTRKLHNILGVETGGPGGRR
AGESGHTVADYLKFKDLILRMLDYDPKTRIQPYYALQHSFFKKTADE
;
_entity_poly.pdbx_strand_id   A
#
loop_
_chem_comp.id
_chem_comp.type
_chem_comp.name
_chem_comp.formula
CL non-polymer 'CHLORIDE ION' 'Cl -1'
RJ5 non-polymer 4-(4-methoxyphenyl)pyridin-2-amine 'C12 H12 N2 O'
#
# COMPACT_ATOMS: atom_id res chain seq x y z
N ILE A 22 -4.69 28.74 2.28
CA ILE A 22 -5.34 29.44 3.45
C ILE A 22 -6.84 29.18 3.39
N VAL A 23 -7.34 28.23 4.20
CA VAL A 23 -8.79 28.04 4.49
C VAL A 23 -8.98 28.21 6.00
N LYS A 24 -9.94 29.04 6.42
CA LYS A 24 -10.20 29.38 7.84
C LYS A 24 -11.37 28.54 8.36
N ASN A 25 -11.33 28.17 9.65
CA ASN A 25 -12.51 27.61 10.37
C ASN A 25 -13.67 28.59 10.26
N GLY A 26 -14.87 28.11 9.96
CA GLY A 26 -16.10 28.93 9.90
C GLY A 26 -16.44 29.33 8.48
N GLU A 27 -15.43 29.41 7.61
CA GLU A 27 -15.58 29.64 6.15
C GLU A 27 -16.74 28.78 5.63
N LYS A 28 -17.71 29.39 4.94
CA LYS A 28 -18.87 28.69 4.34
C LYS A 28 -18.70 28.72 2.83
N TRP A 29 -18.87 27.58 2.17
CA TRP A 29 -18.76 27.44 0.71
C TRP A 29 -20.13 27.09 0.14
N MET A 30 -20.62 27.90 -0.83
CA MET A 30 -21.66 27.49 -1.80
C MET A 30 -22.98 27.22 -1.06
N ASP A 31 -23.21 27.93 0.05
CA ASP A 31 -24.36 27.73 0.98
C ASP A 31 -24.51 26.23 1.31
N ARG A 32 -23.42 25.45 1.38
CA ARG A 32 -23.48 23.96 1.54
C ARG A 32 -22.52 23.47 2.63
N TYR A 33 -21.22 23.81 2.55
CA TYR A 33 -20.12 23.24 3.37
C TYR A 33 -19.56 24.27 4.35
N GLU A 34 -19.48 23.93 5.63
CA GLU A 34 -18.80 24.79 6.64
C GLU A 34 -17.46 24.15 7.00
N ILE A 35 -16.36 24.82 6.71
CA ILE A 35 -14.98 24.30 6.97
C ILE A 35 -14.77 24.35 8.48
N ASP A 36 -14.32 23.24 9.05
CA ASP A 36 -14.02 23.10 10.50
C ASP A 36 -12.50 23.19 10.72
N SER A 37 -11.72 22.32 10.11
CA SER A 37 -10.29 22.10 10.49
C SER A 37 -9.55 21.30 9.40
N LEU A 38 -8.22 21.38 9.48
CA LEU A 38 -7.24 20.71 8.59
C LEU A 38 -7.09 19.27 9.08
N ILE A 39 -7.42 18.28 8.24
CA ILE A 39 -7.16 16.85 8.57
C ILE A 39 -5.70 16.53 8.24
N GLY A 40 -5.23 17.01 7.08
CA GLY A 40 -3.95 16.54 6.52
C GLY A 40 -3.54 17.33 5.30
N LYS A 41 -2.24 17.30 5.00
CA LYS A 41 -1.60 17.99 3.86
C LYS A 41 -0.88 16.92 3.03
N GLY A 42 -0.83 17.13 1.73
CA GLY A 42 -0.29 16.16 0.76
C GLY A 42 0.53 16.91 -0.25
N SER A 43 1.25 16.20 -1.14
CA SER A 43 1.88 16.82 -2.32
C SER A 43 0.78 17.43 -3.18
N PHE A 44 -0.41 16.82 -3.18
CA PHE A 44 -1.60 17.16 -4.02
C PHE A 44 -2.32 18.44 -3.53
N GLY A 45 -2.19 18.77 -2.25
CA GLY A 45 -2.93 19.88 -1.63
C GLY A 45 -3.26 19.58 -0.18
N GLN A 46 -4.50 19.84 0.24
CA GLN A 46 -4.85 19.63 1.66
C GLN A 46 -6.25 19.02 1.77
N VAL A 47 -6.48 18.36 2.89
CA VAL A 47 -7.75 17.68 3.21
C VAL A 47 -8.29 18.35 4.47
N VAL A 48 -9.54 18.79 4.42
CA VAL A 48 -10.18 19.49 5.57
C VAL A 48 -11.43 18.74 5.98
N LYS A 49 -11.74 18.87 7.28
CA LYS A 49 -13.02 18.45 7.86
C LYS A 49 -14.01 19.58 7.60
N ALA A 50 -15.18 19.26 7.06
CA ALA A 50 -16.27 20.19 6.70
C ALA A 50 -17.65 19.59 7.02
N TYR A 51 -18.62 20.43 7.39
CA TYR A 51 -20.02 20.01 7.64
C TYR A 51 -20.83 20.22 6.35
N ASP A 52 -21.49 19.16 5.88
CA ASP A 52 -22.39 19.24 4.71
C ASP A 52 -23.82 19.45 5.23
N ARG A 53 -24.39 20.64 5.00
CA ARG A 53 -25.77 21.00 5.44
C ARG A 53 -26.84 20.22 4.64
N VAL A 54 -26.57 19.76 3.42
CA VAL A 54 -27.63 19.09 2.61
C VAL A 54 -27.81 17.69 3.15
N GLU A 55 -26.74 16.91 3.22
CA GLU A 55 -26.81 15.51 3.71
C GLU A 55 -26.90 15.49 5.24
N GLN A 56 -26.53 16.60 5.89
CA GLN A 56 -26.46 16.70 7.37
C GLN A 56 -25.48 15.65 7.93
N GLU A 57 -24.20 15.84 7.62
CA GLU A 57 -23.11 14.92 8.00
C GLU A 57 -21.78 15.63 7.81
N TRP A 58 -20.76 15.15 8.50
CA TRP A 58 -19.37 15.62 8.31
C TRP A 58 -18.77 14.86 7.12
N VAL A 59 -17.95 15.56 6.34
CA VAL A 59 -17.23 14.99 5.16
C VAL A 59 -15.77 15.47 5.21
N ALA A 60 -14.92 14.75 4.50
CA ALA A 60 -13.50 15.09 4.25
C ALA A 60 -13.42 15.68 2.84
N ILE A 61 -12.95 16.92 2.74
CA ILE A 61 -12.83 17.59 1.43
C ILE A 61 -11.36 17.65 1.07
N LYS A 62 -10.97 16.91 0.03
CA LYS A 62 -9.60 16.93 -0.54
C LYS A 62 -9.53 18.09 -1.54
N ILE A 63 -8.78 19.13 -1.17
CA ILE A 63 -8.65 20.40 -1.93
C ILE A 63 -7.32 20.37 -2.69
N ILE A 64 -7.40 20.20 -4.00
CA ILE A 64 -6.22 20.14 -4.89
C ILE A 64 -5.69 21.57 -5.10
N LYS A 65 -4.37 21.72 -5.10
CA LYS A 65 -3.65 22.97 -5.47
C LYS A 65 -4.10 23.42 -6.87
N ASN A 66 -4.16 24.74 -7.10
CA ASN A 66 -4.50 25.36 -8.41
C ASN A 66 -3.23 25.45 -9.28
N LYS A 67 -2.69 24.29 -9.68
CA LYS A 67 -1.53 24.15 -10.60
C LYS A 67 -1.83 22.98 -11.55
N LYS A 68 -1.59 23.16 -12.85
CA LYS A 68 -1.98 22.18 -13.91
C LYS A 68 -1.60 20.77 -13.45
N ALA A 69 -0.38 20.57 -12.94
CA ALA A 69 0.17 19.23 -12.63
C ALA A 69 -0.78 18.52 -11.66
N PHE A 70 -1.13 19.20 -10.58
CA PHE A 70 -1.90 18.55 -9.49
C PHE A 70 -3.35 18.36 -9.97
N LEU A 71 -3.92 19.37 -10.66
CA LEU A 71 -5.31 19.32 -11.20
C LEU A 71 -5.46 18.10 -12.11
N ASN A 72 -4.58 17.97 -13.10
CA ASN A 72 -4.60 16.89 -14.13
C ASN A 72 -4.51 15.52 -13.47
N GLN A 73 -3.62 15.36 -12.49
CA GLN A 73 -3.49 14.05 -11.80
C GLN A 73 -4.73 13.82 -10.94
N ALA A 74 -5.28 14.85 -10.30
CA ALA A 74 -6.52 14.74 -9.49
C ALA A 74 -7.71 14.42 -10.41
N GLN A 75 -7.75 14.96 -11.62
CA GLN A 75 -8.84 14.61 -12.59
C GLN A 75 -8.78 13.11 -12.87
N ILE A 76 -7.60 12.50 -12.85
CA ILE A 76 -7.46 11.03 -13.07
C ILE A 76 -8.00 10.31 -11.83
N GLU A 77 -7.72 10.84 -10.64
CA GLU A 77 -8.21 10.24 -9.37
C GLU A 77 -9.76 10.25 -9.39
N VAL A 78 -10.36 11.38 -9.79
CA VAL A 78 -11.85 11.50 -9.85
C VAL A 78 -12.40 10.46 -10.83
N ARG A 79 -11.83 10.36 -12.03
CA ARG A 79 -12.31 9.40 -13.05
C ARG A 79 -12.24 7.97 -12.49
N LEU A 80 -11.14 7.59 -11.86
CA LEU A 80 -10.97 6.20 -11.36
C LEU A 80 -11.96 5.93 -10.21
N LEU A 81 -12.19 6.89 -9.31
CA LEU A 81 -13.13 6.70 -8.18
C LEU A 81 -14.56 6.56 -8.74
N GLU A 82 -14.95 7.40 -9.72
CA GLU A 82 -16.34 7.35 -10.28
C GLU A 82 -16.51 6.02 -11.01
N LEU A 83 -15.45 5.56 -11.69
CA LEU A 83 -15.44 4.26 -12.40
C LEU A 83 -15.73 3.13 -11.40
N MET A 84 -15.16 3.18 -10.19
CA MET A 84 -15.38 2.12 -9.17
C MET A 84 -16.81 2.21 -8.64
N ASN A 85 -17.33 3.43 -8.45
CA ASN A 85 -18.65 3.69 -7.78
C ASN A 85 -19.77 3.09 -8.61
N LYS A 86 -19.59 2.99 -9.94
CA LYS A 86 -20.60 2.44 -10.88
C LYS A 86 -20.65 0.90 -10.77
N HIS A 87 -19.71 0.25 -10.08
CA HIS A 87 -19.70 -1.23 -9.85
C HIS A 87 -20.26 -1.60 -8.48
N ASP A 88 -21.58 -1.82 -8.34
CA ASP A 88 -22.20 -2.22 -7.05
C ASP A 88 -22.01 -3.74 -6.86
N THR A 89 -21.17 -4.10 -5.89
CA THR A 89 -20.76 -5.49 -5.52
C THR A 89 -20.17 -5.44 -4.11
N GLU A 90 -20.11 -6.59 -3.41
CA GLU A 90 -19.65 -6.69 -2.00
C GLU A 90 -18.26 -6.04 -1.83
N MET A 91 -17.38 -6.20 -2.81
CA MET A 91 -15.92 -6.00 -2.64
C MET A 91 -15.56 -4.52 -2.79
N LYS A 92 -16.44 -3.69 -3.35
CA LYS A 92 -16.12 -2.25 -3.54
C LYS A 92 -16.10 -1.46 -2.21
N TYR A 93 -16.50 -2.04 -1.06
CA TYR A 93 -16.71 -1.27 0.21
C TYR A 93 -15.42 -1.30 1.08
N TYR A 94 -14.25 -1.56 0.47
CA TYR A 94 -12.93 -1.37 1.11
C TYR A 94 -12.22 -0.15 0.52
N ILE A 95 -12.91 0.66 -0.28
CA ILE A 95 -12.32 1.85 -0.94
C ILE A 95 -13.05 3.06 -0.37
N VAL A 96 -12.34 4.12 0.01
CA VAL A 96 -13.00 5.35 0.52
C VAL A 96 -14.00 5.79 -0.55
N HIS A 97 -15.20 6.18 -0.10
CA HIS A 97 -16.31 6.62 -0.96
C HIS A 97 -16.15 8.08 -1.39
N LEU A 98 -15.98 8.32 -2.69
CA LEU A 98 -16.14 9.68 -3.26
C LEU A 98 -17.64 9.98 -3.37
N LYS A 99 -18.10 10.96 -2.62
CA LYS A 99 -19.50 11.44 -2.60
C LYS A 99 -19.74 12.36 -3.80
N ARG A 100 -18.85 13.29 -4.06
CA ARG A 100 -18.96 14.22 -5.21
C ARG A 100 -17.68 15.05 -5.34
N HIS A 101 -17.60 15.81 -6.42
CA HIS A 101 -16.47 16.72 -6.70
C HIS A 101 -17.02 17.96 -7.38
N PHE A 102 -16.37 19.07 -7.15
CA PHE A 102 -16.77 20.37 -7.73
C PHE A 102 -15.51 21.22 -7.81
N MET A 103 -15.61 22.31 -8.57
CA MET A 103 -14.51 23.28 -8.80
C MET A 103 -14.85 24.53 -8.03
N PHE A 104 -13.93 25.04 -7.22
CA PHE A 104 -14.11 26.22 -6.34
C PHE A 104 -12.81 27.01 -6.24
N ARG A 105 -12.85 28.29 -6.64
CA ARG A 105 -11.71 29.25 -6.59
C ARG A 105 -10.52 28.69 -7.37
N ASN A 106 -10.82 27.94 -8.45
CA ASN A 106 -9.83 27.30 -9.36
C ASN A 106 -9.11 26.13 -8.67
N HIS A 107 -9.70 25.53 -7.64
CA HIS A 107 -9.23 24.28 -7.00
C HIS A 107 -10.23 23.15 -7.26
N LEU A 108 -9.80 22.02 -7.85
CA LEU A 108 -10.63 20.78 -7.84
C LEU A 108 -10.70 20.30 -6.39
N CYS A 109 -11.92 19.98 -5.96
CA CYS A 109 -12.33 19.61 -4.59
C CYS A 109 -13.05 18.27 -4.66
N LEU A 110 -12.54 17.27 -3.94
CA LEU A 110 -13.15 15.92 -3.90
C LEU A 110 -13.75 15.77 -2.52
N VAL A 111 -15.04 15.48 -2.45
CA VAL A 111 -15.75 15.28 -1.16
C VAL A 111 -15.82 13.77 -0.89
N PHE A 112 -15.20 13.33 0.23
CA PHE A 112 -15.26 11.92 0.70
C PHE A 112 -16.06 11.78 2.02
N GLU A 113 -16.54 10.57 2.28
CA GLU A 113 -16.94 10.18 3.66
C GLU A 113 -15.77 10.48 4.64
N MET A 114 -16.07 10.75 5.89
CA MET A 114 -15.04 10.89 6.95
C MET A 114 -14.55 9.49 7.31
N LEU A 115 -13.26 9.29 7.36
CA LEU A 115 -12.69 8.07 7.98
C LEU A 115 -11.95 8.50 9.24
N SER A 116 -11.28 7.57 9.91
CA SER A 116 -10.50 7.79 11.16
C SER A 116 -9.01 7.84 10.82
N TYR A 117 -8.15 7.45 11.74
CA TYR A 117 -6.68 7.59 11.61
C TYR A 117 -6.12 6.41 10.80
N ASN A 118 -4.89 6.54 10.30
CA ASN A 118 -4.27 5.63 9.33
C ASN A 118 -3.45 4.58 10.06
N LEU A 119 -3.00 3.58 9.33
CA LEU A 119 -2.35 2.43 9.98
C LEU A 119 -0.92 2.81 10.39
N TYR A 120 -0.33 3.87 9.85
CA TYR A 120 0.98 4.34 10.38
C TYR A 120 0.77 4.86 11.83
N ASP A 121 -0.23 5.70 11.99
CA ASP A 121 -0.64 6.22 13.32
C ASP A 121 -0.89 5.03 14.24
N LEU A 122 -1.56 3.99 13.75
CA LEU A 122 -1.83 2.78 14.59
C LEU A 122 -0.48 2.20 15.05
N LEU A 123 0.48 2.07 14.14
CA LEU A 123 1.83 1.54 14.47
C LEU A 123 2.53 2.48 15.46
N ARG A 124 2.46 3.79 15.25
CA ARG A 124 3.10 4.79 16.13
C ARG A 124 2.52 4.63 17.53
N ASN A 125 1.22 4.34 17.61
CA ASN A 125 0.51 4.18 18.90
C ASN A 125 0.92 2.89 19.62
N THR A 126 1.45 1.86 18.94
CA THR A 126 2.05 0.66 19.59
C THR A 126 3.53 0.94 19.93
N ASN A 127 4.00 2.19 19.78
CA ASN A 127 5.45 2.54 19.88
C ASN A 127 6.25 1.63 18.93
N PHE A 128 5.70 1.37 17.74
CA PHE A 128 6.37 0.61 16.66
C PHE A 128 6.74 -0.79 17.13
N ARG A 129 5.89 -1.42 17.95
CA ARG A 129 6.03 -2.84 18.40
C ARG A 129 5.01 -3.75 17.70
N GLY A 130 4.05 -3.19 16.96
CA GLY A 130 3.19 -3.96 16.04
C GLY A 130 1.91 -4.40 16.72
N VAL A 131 0.93 -4.78 15.90
CA VAL A 131 -0.37 -5.34 16.36
C VAL A 131 -0.29 -6.85 16.26
N SER A 132 -1.27 -7.54 16.83
CA SER A 132 -1.32 -9.02 16.89
C SER A 132 -1.40 -9.62 15.48
N LEU A 133 -1.02 -10.90 15.39
CA LEU A 133 -1.27 -11.69 14.17
C LEU A 133 -2.77 -11.66 13.86
N ASN A 134 -3.64 -11.63 14.86
CA ASN A 134 -5.10 -11.66 14.63
C ASN A 134 -5.59 -10.35 14.04
N LEU A 135 -5.05 -9.20 14.45
CA LEU A 135 -5.49 -7.91 13.85
C LEU A 135 -4.86 -7.78 12.46
N THR A 136 -3.62 -8.24 12.31
CA THR A 136 -2.92 -8.30 11.00
C THR A 136 -3.79 -9.10 10.03
N ARG A 137 -4.25 -10.28 10.42
CA ARG A 137 -5.11 -11.14 9.55
C ARG A 137 -6.36 -10.35 9.10
N LYS A 138 -7.01 -9.63 10.00
CA LYS A 138 -8.22 -8.83 9.65
C LYS A 138 -7.84 -7.78 8.62
N PHE A 139 -6.67 -7.14 8.76
CA PHE A 139 -6.24 -6.11 7.79
C PHE A 139 -5.94 -6.79 6.45
N ALA A 140 -5.21 -7.90 6.49
CA ALA A 140 -4.84 -8.68 5.30
C ALA A 140 -6.10 -8.97 4.50
N GLN A 141 -7.13 -9.52 5.17
CA GLN A 141 -8.32 -10.06 4.51
C GLN A 141 -9.06 -8.90 3.86
N GLN A 142 -9.21 -7.76 4.55
CA GLN A 142 -9.86 -6.58 3.93
C GLN A 142 -9.03 -6.10 2.73
N MET A 143 -7.70 -6.07 2.82
CA MET A 143 -6.84 -5.47 1.77
C MET A 143 -6.85 -6.43 0.55
N CYS A 144 -6.76 -7.73 0.78
CA CYS A 144 -6.87 -8.76 -0.29
C CYS A 144 -8.22 -8.60 -1.04
N THR A 145 -9.30 -8.27 -0.33
CA THR A 145 -10.63 -8.04 -0.94
C THR A 145 -10.60 -6.76 -1.78
N ALA A 146 -9.99 -5.70 -1.26
CA ALA A 146 -9.85 -4.44 -2.04
C ALA A 146 -9.13 -4.71 -3.37
N LEU A 147 -8.02 -5.43 -3.31
CA LEU A 147 -7.17 -5.67 -4.51
C LEU A 147 -7.98 -6.55 -5.48
N LEU A 148 -8.79 -7.50 -4.99
CA LEU A 148 -9.66 -8.35 -5.85
C LEU A 148 -10.64 -7.43 -6.58
N PHE A 149 -11.20 -6.47 -5.88
CA PHE A 149 -12.12 -5.49 -6.49
C PHE A 149 -11.41 -4.69 -7.59
N LEU A 150 -10.21 -4.15 -7.33
CA LEU A 150 -9.46 -3.30 -8.30
C LEU A 150 -9.07 -4.14 -9.54
N ALA A 151 -8.86 -5.44 -9.38
CA ALA A 151 -8.48 -6.38 -10.46
C ALA A 151 -9.68 -6.72 -11.35
N THR A 152 -10.90 -6.32 -11.00
CA THR A 152 -12.09 -6.52 -11.87
C THR A 152 -11.71 -6.04 -13.27
N PRO A 153 -11.82 -6.89 -14.31
CA PRO A 153 -11.28 -6.57 -15.64
C PRO A 153 -11.62 -5.15 -16.10
N GLU A 154 -12.88 -4.76 -15.96
CA GLU A 154 -13.36 -3.48 -16.53
C GLU A 154 -12.75 -2.33 -15.69
N LEU A 155 -12.26 -2.59 -14.48
CA LEU A 155 -11.54 -1.60 -13.63
C LEU A 155 -10.05 -1.69 -13.94
N SER A 156 -9.44 -2.82 -13.61
CA SER A 156 -7.97 -3.05 -13.77
C SER A 156 -7.18 -1.85 -13.22
N ILE A 157 -7.47 -1.45 -11.99
CA ILE A 157 -6.82 -0.26 -11.36
C ILE A 157 -5.62 -0.69 -10.49
N ILE A 158 -4.47 -0.09 -10.80
CA ILE A 158 -3.23 -0.23 -9.98
C ILE A 158 -3.20 0.97 -9.04
N HIS A 159 -3.24 0.71 -7.73
CA HIS A 159 -3.19 1.81 -6.73
C HIS A 159 -1.88 2.59 -6.91
N CYS A 160 -0.75 1.88 -6.94
CA CYS A 160 0.62 2.43 -7.15
C CYS A 160 1.20 3.13 -5.91
N ASP A 161 0.46 3.30 -4.81
CA ASP A 161 1.04 3.92 -3.59
C ASP A 161 0.45 3.31 -2.31
N LEU A 162 0.37 1.99 -2.22
CA LEU A 162 -0.07 1.32 -0.96
C LEU A 162 1.03 1.43 0.08
N LYS A 163 0.63 1.94 1.22
CA LYS A 163 1.46 1.99 2.43
C LYS A 163 0.51 2.26 3.60
N PRO A 164 1.01 2.06 4.83
CA PRO A 164 0.19 2.18 6.03
C PRO A 164 -0.56 3.51 6.11
N GLU A 165 0.09 4.59 5.67
CA GLU A 165 -0.46 5.96 5.72
C GLU A 165 -1.72 6.03 4.83
N ASN A 166 -1.82 5.18 3.81
CA ASN A 166 -2.92 5.26 2.81
C ASN A 166 -4.00 4.23 3.14
N ILE A 167 -3.99 3.71 4.38
CA ILE A 167 -5.00 2.73 4.87
C ILE A 167 -5.56 3.30 6.16
N LEU A 168 -6.84 3.65 6.15
CA LEU A 168 -7.49 4.40 7.25
C LEU A 168 -8.50 3.49 7.94
N LEU A 169 -8.60 3.61 9.27
CA LEU A 169 -9.68 2.96 10.02
C LEU A 169 -10.97 3.68 9.63
N CYS A 170 -12.04 2.93 9.41
CA CYS A 170 -13.43 3.46 9.26
C CYS A 170 -13.92 4.13 10.55
N ASN A 171 -13.43 3.69 11.70
CA ASN A 171 -13.97 4.02 13.05
C ASN A 171 -12.88 3.74 14.06
N PRO A 172 -12.52 4.69 14.94
CA PRO A 172 -11.48 4.48 15.95
C PRO A 172 -11.80 3.34 16.94
N LYS A 173 -13.06 2.96 17.13
CA LYS A 173 -13.39 1.80 18.00
C LYS A 173 -13.17 0.46 17.26
N ARG A 174 -13.01 0.43 15.93
CA ARG A 174 -13.15 -0.85 15.17
C ARG A 174 -11.96 -1.10 14.23
N SER A 175 -11.93 -2.29 13.64
CA SER A 175 -10.81 -2.82 12.83
C SER A 175 -11.18 -2.84 11.33
N ALA A 176 -12.32 -2.26 10.93
CA ALA A 176 -12.66 -2.02 9.50
C ALA A 176 -11.69 -0.98 8.92
N ILE A 177 -11.21 -1.17 7.68
CA ILE A 177 -10.30 -0.23 6.98
C ILE A 177 -10.80 0.05 5.57
N LYS A 178 -10.33 1.17 5.01
CA LYS A 178 -10.49 1.51 3.59
C LYS A 178 -9.19 2.10 3.04
N ILE A 179 -8.91 1.87 1.76
CA ILE A 179 -7.76 2.48 1.05
C ILE A 179 -8.15 3.89 0.62
N VAL A 180 -7.23 4.83 0.73
CA VAL A 180 -7.39 6.22 0.21
C VAL A 180 -6.26 6.50 -0.78
N ASP A 181 -6.38 7.65 -1.43
CA ASP A 181 -5.33 8.34 -2.24
C ASP A 181 -5.09 7.56 -3.53
N PHE A 182 -5.94 7.77 -4.53
CA PHE A 182 -5.77 7.20 -5.89
C PHE A 182 -5.14 8.27 -6.79
N GLY A 183 -4.37 9.17 -6.16
CA GLY A 183 -3.60 10.23 -6.82
C GLY A 183 -2.49 9.71 -7.72
N SER A 184 -1.95 8.53 -7.45
CA SER A 184 -0.87 7.89 -8.24
C SER A 184 -1.45 6.85 -9.18
N SER A 185 -2.70 6.47 -8.96
CA SER A 185 -3.32 5.28 -9.58
C SER A 185 -3.42 5.41 -11.10
N CYS A 186 -3.42 4.26 -11.77
CA CYS A 186 -3.64 4.19 -13.23
C CYS A 186 -4.31 2.86 -13.56
N GLN A 187 -5.01 2.82 -14.69
CA GLN A 187 -5.56 1.53 -15.20
C GLN A 187 -4.43 0.79 -15.89
N LEU A 188 -4.51 -0.53 -15.93
CA LEU A 188 -3.55 -1.35 -16.70
C LEU A 188 -3.47 -0.75 -18.12
N GLY A 189 -2.27 -0.48 -18.61
CA GLY A 189 -2.09 0.05 -19.98
C GLY A 189 -2.33 1.54 -20.09
N GLN A 190 -2.49 2.25 -18.97
CA GLN A 190 -2.53 3.74 -18.91
C GLN A 190 -1.37 4.26 -18.03
N ARG A 191 -0.24 3.55 -17.96
CA ARG A 191 0.94 3.92 -17.14
C ARG A 191 1.44 5.31 -17.59
N ILE A 192 1.79 6.19 -16.66
CA ILE A 192 2.41 7.50 -17.00
C ILE A 192 3.88 7.49 -16.58
N TYR A 193 4.16 7.22 -15.31
CA TYR A 193 5.51 7.34 -14.70
C TYR A 193 6.13 5.97 -14.49
N GLN A 194 7.45 5.86 -14.72
CA GLN A 194 8.26 4.66 -14.40
C GLN A 194 8.58 4.66 -12.90
N PTR A 195 8.86 5.85 -12.32
CA PTR A 195 9.21 5.97 -10.93
C PTR A 195 7.96 6.22 -10.10
O PTR A 195 7.43 7.34 -10.09
CB PTR A 195 10.20 7.13 -10.78
CG PTR A 195 10.91 7.27 -9.46
CD1 PTR A 195 10.44 8.09 -8.47
CD2 PTR A 195 12.11 6.62 -9.25
CE1 PTR A 195 11.13 8.27 -7.27
CE2 PTR A 195 12.83 6.78 -8.07
CZ PTR A 195 12.32 7.59 -7.07
OH PTR A 195 13.15 7.78 -5.95
P PTR A 195 12.78 7.70 -4.43
O1P PTR A 195 13.36 8.84 -3.71
O2P PTR A 195 11.30 7.63 -4.19
O3P PTR A 195 13.45 6.42 -4.03
N ILE A 196 7.46 5.16 -9.46
CA ILE A 196 6.22 5.20 -8.69
C ILE A 196 6.36 4.33 -7.43
N GLN A 197 5.38 4.45 -6.53
CA GLN A 197 5.30 3.74 -5.24
C GLN A 197 6.27 4.42 -4.27
N SER A 198 5.97 4.36 -2.99
CA SER A 198 6.85 4.85 -1.91
C SER A 198 7.96 3.83 -1.78
N ARG A 199 9.20 4.30 -1.55
CA ARG A 199 10.41 3.47 -1.73
C ARG A 199 10.27 2.19 -0.91
N PHE A 200 9.86 2.26 0.36
CA PHE A 200 9.85 1.06 1.25
C PHE A 200 8.93 -0.04 0.67
N TYR A 201 7.92 0.37 -0.12
CA TYR A 201 6.84 -0.50 -0.62
C TYR A 201 6.97 -0.71 -2.12
N ARG A 202 8.09 -0.28 -2.72
CA ARG A 202 8.33 -0.33 -4.19
C ARG A 202 8.72 -1.76 -4.59
N SER A 203 8.03 -2.28 -5.60
CA SER A 203 8.20 -3.65 -6.13
C SER A 203 9.52 -3.76 -6.89
N PRO A 204 10.07 -5.00 -7.00
CA PRO A 204 11.28 -5.23 -7.78
C PRO A 204 11.11 -4.78 -9.23
N GLU A 205 9.98 -5.11 -9.86
CA GLU A 205 9.76 -4.76 -11.29
C GLU A 205 9.85 -3.23 -11.45
N VAL A 206 9.33 -2.42 -10.51
CA VAL A 206 9.47 -0.94 -10.61
C VAL A 206 10.93 -0.53 -10.35
N LEU A 207 11.58 -1.06 -9.31
CA LEU A 207 13.02 -0.76 -9.07
C LEU A 207 13.81 -1.08 -10.35
N LEU A 208 13.42 -2.11 -11.11
CA LEU A 208 14.16 -2.57 -12.32
C LEU A 208 13.70 -1.85 -13.61
N GLY A 209 12.83 -0.84 -13.51
CA GLY A 209 12.37 -0.03 -14.66
C GLY A 209 11.54 -0.83 -15.64
N MET A 210 10.84 -1.86 -15.19
CA MET A 210 10.01 -2.74 -16.07
C MET A 210 8.56 -2.27 -16.11
N PRO A 211 7.85 -2.53 -17.23
CA PRO A 211 6.41 -2.22 -17.32
C PRO A 211 5.71 -2.99 -16.19
N TYR A 212 4.81 -2.33 -15.48
CA TYR A 212 4.26 -2.85 -14.22
C TYR A 212 2.74 -3.10 -14.39
N ASP A 213 2.18 -4.00 -13.59
CA ASP A 213 0.74 -4.36 -13.61
C ASP A 213 0.23 -4.40 -12.16
N LEU A 214 -0.89 -5.07 -11.91
CA LEU A 214 -1.62 -4.93 -10.61
C LEU A 214 -0.77 -5.62 -9.54
N ALA A 215 0.18 -6.46 -9.93
CA ALA A 215 1.00 -7.25 -9.00
C ALA A 215 1.87 -6.34 -8.13
N ILE A 216 2.12 -5.09 -8.51
CA ILE A 216 2.97 -4.19 -7.68
C ILE A 216 2.25 -3.85 -6.36
N ASP A 217 0.91 -3.82 -6.36
CA ASP A 217 0.10 -3.58 -5.15
C ASP A 217 0.24 -4.78 -4.20
N MET A 218 0.27 -5.98 -4.74
CA MET A 218 0.36 -7.17 -3.89
C MET A 218 1.74 -7.19 -3.23
N TRP A 219 2.80 -6.77 -3.93
CA TRP A 219 4.15 -6.65 -3.35
C TRP A 219 4.08 -5.68 -2.18
N SER A 220 3.51 -4.49 -2.42
CA SER A 220 3.39 -3.48 -1.36
C SER A 220 2.69 -4.15 -0.18
N LEU A 221 1.61 -4.92 -0.43
CA LEU A 221 0.72 -5.42 0.66
C LEU A 221 1.56 -6.35 1.55
N GLY A 222 2.37 -7.22 0.93
CA GLY A 222 3.28 -8.12 1.65
C GLY A 222 4.14 -7.34 2.64
N CYS A 223 4.78 -6.28 2.15
CA CYS A 223 5.63 -5.39 2.95
C CYS A 223 4.80 -4.84 4.10
N ILE A 224 3.58 -4.37 3.79
CA ILE A 224 2.74 -3.66 4.78
C ILE A 224 2.42 -4.63 5.93
N LEU A 225 2.05 -5.87 5.61
CA LEU A 225 1.51 -6.80 6.66
C LEU A 225 2.61 -7.24 7.63
N VAL A 226 3.82 -7.48 7.12
CA VAL A 226 5.01 -7.77 7.99
C VAL A 226 5.21 -6.56 8.92
N GLU A 227 5.25 -5.34 8.37
CA GLU A 227 5.41 -4.09 9.17
C GLU A 227 4.30 -3.97 10.22
N MET A 228 3.04 -4.27 9.89
CA MET A 228 1.93 -4.09 10.85
C MET A 228 2.16 -4.99 12.07
N HIS A 229 2.80 -6.15 11.88
CA HIS A 229 3.00 -7.15 12.98
C HIS A 229 4.31 -6.96 13.75
N THR A 230 5.40 -6.55 13.12
CA THR A 230 6.74 -6.35 13.73
C THR A 230 6.89 -4.91 14.22
N GLY A 231 6.18 -3.98 13.59
CA GLY A 231 6.17 -2.56 13.97
C GLY A 231 7.13 -1.74 13.12
N GLU A 232 7.98 -2.38 12.33
CA GLU A 232 9.04 -1.70 11.55
C GLU A 232 8.92 -2.09 10.08
N PRO A 233 9.34 -1.22 9.16
CA PRO A 233 9.31 -1.52 7.74
C PRO A 233 10.19 -2.74 7.45
N LEU A 234 9.75 -3.63 6.56
CA LEU A 234 10.51 -4.85 6.17
C LEU A 234 11.77 -4.41 5.42
N PHE A 235 11.64 -3.47 4.50
CA PHE A 235 12.73 -3.06 3.58
C PHE A 235 12.81 -1.54 3.59
N SER A 236 13.65 -0.99 4.47
CA SER A 236 13.73 0.48 4.69
C SER A 236 14.93 1.05 3.93
N GLY A 237 14.92 0.96 2.60
CA GLY A 237 16.01 1.50 1.78
C GLY A 237 16.08 3.00 1.92
N ALA A 238 17.28 3.59 2.06
CA ALA A 238 17.49 5.07 2.06
C ALA A 238 17.54 5.60 0.61
N ASN A 239 17.67 4.71 -0.37
CA ASN A 239 17.60 5.03 -1.83
C ASN A 239 17.39 3.70 -2.58
N GLU A 240 17.30 3.76 -3.89
CA GLU A 240 16.90 2.59 -4.70
C GLU A 240 17.97 1.50 -4.56
N VAL A 241 19.24 1.86 -4.48
CA VAL A 241 20.33 0.85 -4.43
C VAL A 241 20.17 0.10 -3.11
N ASP A 242 19.99 0.87 -2.03
CA ASP A 242 19.82 0.35 -0.64
C ASP A 242 18.55 -0.50 -0.60
N GLN A 243 17.48 -0.01 -1.24
CA GLN A 243 16.18 -0.72 -1.27
C GLN A 243 16.39 -2.10 -1.88
N MET A 244 16.94 -2.18 -3.08
CA MET A 244 17.14 -3.48 -3.77
C MET A 244 18.03 -4.39 -2.89
N ASN A 245 19.04 -3.82 -2.23
CA ASN A 245 20.01 -4.60 -1.40
C ASN A 245 19.29 -5.19 -0.18
N LYS A 246 18.42 -4.41 0.46
CA LYS A 246 17.58 -4.92 1.57
C LYS A 246 16.63 -6.00 1.09
N ILE A 247 16.06 -5.89 -0.11
CA ILE A 247 15.18 -6.96 -0.66
C ILE A 247 16.03 -8.24 -0.86
N VAL A 248 17.19 -8.12 -1.50
CA VAL A 248 18.10 -9.26 -1.82
C VAL A 248 18.52 -9.99 -0.53
N GLU A 249 18.81 -9.26 0.55
CA GLU A 249 19.15 -9.84 1.88
C GLU A 249 18.13 -10.89 2.28
N VAL A 250 16.84 -10.60 2.08
CA VAL A 250 15.76 -11.51 2.56
C VAL A 250 15.44 -12.54 1.47
N LEU A 251 15.46 -12.14 0.20
CA LEU A 251 14.84 -12.94 -0.87
C LEU A 251 15.89 -13.52 -1.83
N GLY A 252 17.15 -13.16 -1.71
CA GLY A 252 18.18 -13.64 -2.64
C GLY A 252 18.22 -12.80 -3.90
N ILE A 253 19.15 -13.15 -4.78
CA ILE A 253 19.28 -12.58 -6.14
C ILE A 253 17.98 -12.90 -6.87
N PRO A 254 17.38 -11.92 -7.57
CA PRO A 254 16.24 -12.16 -8.44
C PRO A 254 16.55 -13.09 -9.62
N PRO A 255 15.60 -13.93 -10.07
CA PRO A 255 15.87 -14.86 -11.17
C PRO A 255 16.32 -14.18 -12.48
N ALA A 256 17.27 -14.84 -13.14
CA ALA A 256 17.94 -14.38 -14.39
C ALA A 256 16.88 -13.96 -15.41
N HIS A 257 15.83 -14.76 -15.56
CA HIS A 257 14.80 -14.50 -16.61
C HIS A 257 14.22 -13.10 -16.40
N ILE A 258 14.10 -12.65 -15.15
CA ILE A 258 13.59 -11.29 -14.81
C ILE A 258 14.71 -10.30 -15.11
N LEU A 259 15.91 -10.54 -14.59
CA LEU A 259 17.04 -9.57 -14.71
C LEU A 259 17.41 -9.38 -16.19
N ASP A 260 17.32 -10.43 -17.00
CA ASP A 260 17.63 -10.35 -18.46
C ASP A 260 16.72 -9.33 -19.18
N GLN A 261 15.48 -9.14 -18.70
CA GLN A 261 14.48 -8.28 -19.38
C GLN A 261 14.40 -6.91 -18.72
N ALA A 262 15.22 -6.62 -17.71
CA ALA A 262 15.13 -5.40 -16.90
C ALA A 262 16.06 -4.32 -17.43
N PRO A 263 15.51 -3.17 -17.87
CA PRO A 263 16.33 -2.00 -18.19
C PRO A 263 17.31 -1.54 -17.11
N LYS A 264 16.90 -1.52 -15.84
CA LYS A 264 17.74 -0.99 -14.74
C LYS A 264 18.40 -2.15 -13.98
N ALA A 265 18.44 -3.36 -14.53
CA ALA A 265 19.15 -4.51 -13.90
C ALA A 265 20.56 -4.10 -13.44
N ARG A 266 21.28 -3.34 -14.28
CA ARG A 266 22.72 -2.99 -14.12
C ARG A 266 22.90 -1.76 -13.21
N LYS A 267 21.81 -1.21 -12.67
CA LYS A 267 21.84 -0.28 -11.52
C LYS A 267 22.21 -1.05 -10.24
N PHE A 268 22.00 -2.37 -10.20
CA PHE A 268 22.02 -3.15 -8.94
C PHE A 268 22.85 -4.44 -9.07
N PHE A 269 22.82 -5.07 -10.25
CA PHE A 269 23.41 -6.41 -10.47
C PHE A 269 24.42 -6.37 -11.62
N GLU A 270 25.23 -7.42 -11.72
CA GLU A 270 26.21 -7.57 -12.82
C GLU A 270 26.02 -8.97 -13.39
N LYS A 271 26.01 -9.06 -14.72
CA LYS A 271 25.85 -10.35 -15.43
C LYS A 271 27.26 -10.94 -15.65
N LEU A 272 27.45 -12.20 -15.31
CA LEU A 272 28.73 -12.94 -15.54
C LEU A 272 28.47 -13.96 -16.65
N PRO A 273 29.51 -14.39 -17.41
CA PRO A 273 29.28 -15.18 -18.61
C PRO A 273 28.70 -16.55 -18.23
N ASP A 274 29.32 -17.21 -17.24
CA ASP A 274 28.85 -18.46 -16.57
C ASP A 274 28.45 -18.11 -15.13
N GLY A 275 27.22 -18.46 -14.72
CA GLY A 275 26.66 -18.10 -13.40
C GLY A 275 26.09 -16.69 -13.44
N THR A 276 24.90 -16.54 -14.02
CA THR A 276 24.42 -15.30 -14.70
C THR A 276 24.59 -14.08 -13.77
N TRP A 277 23.84 -13.90 -12.67
CA TRP A 277 23.82 -12.57 -11.97
C TRP A 277 24.24 -12.63 -10.50
N ASN A 278 24.86 -11.52 -10.07
CA ASN A 278 25.29 -11.22 -8.67
C ASN A 278 25.07 -9.74 -8.36
N LEU A 279 25.09 -9.37 -7.10
CA LEU A 279 25.08 -7.95 -6.70
C LEU A 279 26.33 -7.26 -7.25
N LYS A 280 26.18 -6.08 -7.83
CA LYS A 280 27.27 -5.08 -7.89
C LYS A 280 27.61 -4.71 -6.45
N LYS A 281 28.90 -4.67 -6.13
CA LYS A 281 29.37 -4.23 -4.79
C LYS A 281 29.95 -2.83 -4.90
N THR A 282 29.48 -1.89 -4.07
CA THR A 282 30.19 -0.63 -3.71
C THR A 282 30.95 -0.85 -2.39
N LYS A 283 31.43 0.23 -1.76
CA LYS A 283 32.13 0.24 -0.45
C LYS A 283 31.25 -0.41 0.62
N ASP A 284 31.88 -1.10 1.58
CA ASP A 284 31.19 -1.70 2.74
C ASP A 284 30.70 -0.58 3.66
N TYR A 289 25.67 -5.49 4.29
CA TYR A 289 24.45 -6.31 4.10
C TYR A 289 24.76 -7.79 4.34
N LYS A 290 23.79 -8.55 4.85
CA LYS A 290 23.90 -10.02 4.99
C LYS A 290 23.97 -10.64 3.60
N PRO A 291 24.64 -11.80 3.45
CA PRO A 291 24.63 -12.54 2.19
C PRO A 291 23.23 -12.71 1.60
N PRO A 292 23.10 -12.69 0.25
CA PRO A 292 21.81 -12.86 -0.41
C PRO A 292 20.98 -13.98 0.22
N GLY A 293 19.74 -13.65 0.60
CA GLY A 293 18.74 -14.65 1.05
C GLY A 293 19.04 -15.21 2.43
N THR A 294 19.97 -14.63 3.19
CA THR A 294 20.30 -15.11 4.57
C THR A 294 19.51 -14.36 5.66
N ARG A 295 18.96 -13.17 5.43
CA ARG A 295 18.09 -12.50 6.44
C ARG A 295 16.68 -13.11 6.29
N LYS A 296 16.45 -14.26 6.92
CA LYS A 296 15.25 -15.10 6.66
C LYS A 296 14.00 -14.44 7.28
N LEU A 297 12.90 -14.45 6.54
CA LEU A 297 11.60 -13.91 7.02
C LEU A 297 11.17 -14.69 8.27
N HIS A 298 11.51 -15.99 8.32
CA HIS A 298 11.32 -16.91 9.48
C HIS A 298 11.83 -16.26 10.79
N ASN A 299 12.96 -15.56 10.74
CA ASN A 299 13.59 -14.96 11.94
C ASN A 299 12.98 -13.58 12.17
N ILE A 300 12.74 -12.83 11.10
CA ILE A 300 12.12 -11.48 11.20
C ILE A 300 10.78 -11.65 11.91
N LEU A 301 10.01 -12.66 11.51
CA LEU A 301 8.67 -12.90 12.10
C LEU A 301 8.83 -13.55 13.51
N GLY A 302 9.98 -14.14 13.82
CA GLY A 302 10.18 -14.99 15.02
C GLY A 302 9.23 -16.19 15.04
N VAL A 303 9.03 -16.86 13.90
CA VAL A 303 8.10 -18.02 13.73
C VAL A 303 8.31 -19.02 14.89
N GLU A 304 9.55 -19.32 15.27
CA GLU A 304 9.86 -20.39 16.25
C GLU A 304 10.38 -19.80 17.57
N THR A 305 10.28 -18.48 17.78
CA THR A 305 10.97 -17.80 18.89
C THR A 305 10.07 -16.74 19.51
N GLY A 306 8.76 -16.99 19.58
CA GLY A 306 7.76 -16.11 20.23
C GLY A 306 7.51 -14.82 19.48
N GLY A 307 7.50 -14.86 18.14
CA GLY A 307 7.10 -13.68 17.33
C GLY A 307 8.16 -12.58 17.35
N PRO A 308 7.86 -11.38 16.80
CA PRO A 308 8.86 -10.33 16.65
C PRO A 308 9.45 -9.89 18.00
N GLY A 309 10.79 -9.88 18.11
CA GLY A 309 11.54 -9.65 19.37
C GLY A 309 11.06 -10.53 20.53
N GLY A 310 10.51 -11.71 20.23
CA GLY A 310 10.01 -12.66 21.24
C GLY A 310 8.80 -12.15 22.02
N ARG A 311 8.20 -11.03 21.62
CA ARG A 311 7.19 -10.29 22.43
C ARG A 311 5.81 -10.94 22.41
N ARG A 312 5.56 -12.00 21.64
CA ARG A 312 4.25 -12.71 21.59
C ARG A 312 4.34 -14.11 22.21
N ALA A 313 5.45 -14.46 22.86
CA ALA A 313 5.66 -15.75 23.55
C ALA A 313 4.43 -16.09 24.41
N GLY A 314 3.71 -17.16 24.05
CA GLY A 314 2.64 -17.74 24.88
C GLY A 314 1.25 -17.20 24.56
N GLU A 315 1.13 -15.97 24.06
CA GLU A 315 -0.15 -15.37 23.59
C GLU A 315 -0.91 -16.34 22.68
N SER A 316 -2.22 -16.43 22.81
CA SER A 316 -3.09 -17.18 21.87
C SER A 316 -3.01 -16.54 20.48
N GLY A 317 -3.30 -17.33 19.45
CA GLY A 317 -3.25 -16.91 18.04
C GLY A 317 -1.85 -16.64 17.54
N HIS A 318 -0.81 -17.02 18.28
CA HIS A 318 0.60 -16.77 17.90
C HIS A 318 1.39 -18.07 18.02
N THR A 319 0.75 -19.20 17.74
CA THR A 319 1.40 -20.53 17.69
C THR A 319 2.33 -20.57 16.46
N VAL A 320 3.32 -21.45 16.46
CA VAL A 320 4.21 -21.71 15.29
C VAL A 320 3.36 -22.00 14.03
N ALA A 321 2.27 -22.77 14.14
CA ALA A 321 1.43 -23.13 12.97
C ALA A 321 0.77 -21.88 12.40
N ASP A 322 0.33 -20.96 13.28
CA ASP A 322 -0.25 -19.65 12.88
C ASP A 322 0.82 -18.86 12.12
N TYR A 323 2.04 -18.84 12.66
CA TYR A 323 3.18 -18.08 12.10
C TYR A 323 3.55 -18.66 10.74
N LEU A 324 3.60 -19.98 10.58
CA LEU A 324 4.10 -20.59 9.33
C LEU A 324 3.12 -20.26 8.20
N LYS A 325 1.82 -20.27 8.50
CA LYS A 325 0.77 -19.90 7.51
C LYS A 325 1.02 -18.47 7.04
N PHE A 326 1.28 -17.55 7.97
CA PHE A 326 1.52 -16.12 7.67
C PHE A 326 2.78 -16.01 6.80
N LYS A 327 3.90 -16.58 7.26
CA LYS A 327 5.16 -16.57 6.49
C LYS A 327 4.91 -17.04 5.04
N ASP A 328 4.19 -18.15 4.86
CA ASP A 328 3.93 -18.73 3.52
C ASP A 328 3.18 -17.72 2.66
N LEU A 329 2.10 -17.13 3.18
CA LEU A 329 1.32 -16.13 2.41
C LEU A 329 2.25 -14.97 2.04
N ILE A 330 3.09 -14.50 2.96
CA ILE A 330 3.91 -13.28 2.70
C ILE A 330 4.91 -13.63 1.58
N LEU A 331 5.58 -14.79 1.67
CA LEU A 331 6.59 -15.15 0.65
C LEU A 331 5.91 -15.28 -0.73
N ARG A 332 4.63 -15.65 -0.77
CA ARG A 332 3.87 -15.72 -2.04
C ARG A 332 3.61 -14.29 -2.53
N MET A 333 3.32 -13.37 -1.61
CA MET A 333 3.11 -11.95 -1.94
C MET A 333 4.46 -11.33 -2.37
N LEU A 334 5.58 -11.86 -1.89
CA LEU A 334 6.92 -11.29 -2.21
C LEU A 334 7.65 -12.13 -3.28
N ASP A 335 6.91 -12.87 -4.10
CA ASP A 335 7.47 -13.49 -5.32
C ASP A 335 8.10 -12.37 -6.17
N TYR A 336 9.34 -12.56 -6.60
CA TYR A 336 10.06 -11.65 -7.53
C TYR A 336 9.33 -11.60 -8.87
N ASP A 337 8.74 -12.72 -9.30
CA ASP A 337 8.10 -12.80 -10.64
C ASP A 337 6.66 -12.29 -10.52
N PRO A 338 6.32 -11.14 -11.13
CA PRO A 338 4.96 -10.60 -11.07
C PRO A 338 3.91 -11.51 -11.73
N LYS A 339 4.32 -12.48 -12.53
CA LYS A 339 3.33 -13.33 -13.22
C LYS A 339 3.00 -14.52 -12.32
N THR A 340 3.89 -14.94 -11.42
CA THR A 340 3.62 -16.04 -10.46
C THR A 340 3.29 -15.51 -9.07
N ARG A 341 3.57 -14.24 -8.75
CA ARG A 341 3.16 -13.63 -7.45
C ARG A 341 1.68 -13.90 -7.18
N ILE A 342 1.32 -14.22 -5.94
CA ILE A 342 -0.08 -14.61 -5.62
C ILE A 342 -1.02 -13.45 -5.97
N GLN A 343 -2.20 -13.79 -6.50
CA GLN A 343 -3.24 -12.80 -6.87
C GLN A 343 -4.33 -12.81 -5.80
N PRO A 344 -5.14 -11.73 -5.73
CA PRO A 344 -6.04 -11.48 -4.61
C PRO A 344 -7.00 -12.62 -4.31
N TYR A 345 -7.69 -13.14 -5.32
CA TYR A 345 -8.64 -14.26 -5.12
C TYR A 345 -7.93 -15.41 -4.41
N TYR A 346 -6.75 -15.78 -4.90
CA TYR A 346 -6.02 -16.97 -4.37
C TYR A 346 -5.42 -16.62 -3.01
N ALA A 347 -5.18 -15.35 -2.71
CA ALA A 347 -4.63 -14.97 -1.38
C ALA A 347 -5.76 -15.16 -0.36
N LEU A 348 -6.98 -14.76 -0.72
CA LEU A 348 -8.18 -14.95 0.11
C LEU A 348 -8.46 -16.43 0.45
N GLN A 349 -8.03 -17.39 -0.39
CA GLN A 349 -8.23 -18.85 -0.19
C GLN A 349 -7.07 -19.44 0.63
N HIS A 350 -6.03 -18.67 0.92
CA HIS A 350 -4.87 -19.20 1.68
C HIS A 350 -5.29 -19.71 3.08
N SER A 351 -4.56 -20.67 3.63
CA SER A 351 -4.87 -21.31 4.94
C SER A 351 -4.84 -20.28 6.08
N PHE A 352 -4.09 -19.19 5.92
CA PHE A 352 -3.91 -18.13 6.94
C PHE A 352 -5.28 -17.55 7.28
N PHE A 353 -6.23 -17.60 6.35
CA PHE A 353 -7.60 -17.05 6.54
C PHE A 353 -8.61 -18.15 6.93
N LYS A 354 -8.19 -19.39 7.16
CA LYS A 354 -9.11 -20.53 7.39
C LYS A 354 -9.43 -20.68 8.89
N LYS A 355 -10.72 -20.76 9.24
CA LYS A 355 -11.29 -21.26 10.53
C LYS A 355 -10.42 -20.81 11.71
C1 RJ5 B . -10.17 11.36 7.83
C1 RJ5 B . -10.17 11.38 7.68
O1 RJ5 B . -10.95 11.18 6.66
O1 RJ5 B . -11.06 11.16 6.57
C2 RJ5 B . -10.26 11.15 5.47
C2 RJ5 B . -10.47 11.09 5.34
C3 RJ5 B . -10.90 10.80 4.29
C3 RJ5 B . -11.20 10.81 4.20
C4 RJ5 B . -10.17 10.78 3.11
C4 RJ5 B . -10.54 10.77 2.98
C5 RJ5 B . -8.81 11.10 3.08
C5 RJ5 B . -9.17 11.01 2.86
C6 RJ5 B . -8.21 11.46 4.28
C6 RJ5 B . -8.47 11.30 4.03
C7 RJ5 B . -8.92 11.47 5.47
C7 RJ5 B . -9.10 11.34 5.27
C8 RJ5 B . -8.04 11.08 1.80
C8 RJ5 B . -8.46 10.94 1.55
C9 RJ5 B . -6.69 11.42 1.77
C9 RJ5 B . -9.03 10.29 0.46
C10 RJ5 B . -5.99 11.42 0.55
C10 RJ5 B . -8.34 10.25 -0.77
N1 RJ5 B . -4.67 11.74 0.49
N1 RJ5 B . -8.83 9.64 -1.85
N2 RJ5 B . -6.61 11.06 -0.61
N2 RJ5 B . -7.13 10.81 -0.91
C11 RJ5 B . -7.91 10.72 -0.57
C11 RJ5 B . -6.60 11.45 0.13
C12 RJ5 B . -8.64 10.73 0.60
C12 RJ5 B . -7.21 11.52 1.36
CL CL C . 3.77 7.09 -6.66
CL CL D . 5.79 4.07 6.98
#